data_7HTD
#
_entry.id   7HTD
#
_cell.length_a   99.150
_cell.length_b   99.160
_cell.length_c   128.450
_cell.angle_alpha   90.00
_cell.angle_beta   90.00
_cell.angle_gamma   90.00
#
_symmetry.space_group_name_H-M   'I 2 2 2'
#
loop_
_entity.id
_entity.type
_entity.pdbx_description
1 polymer 'Oleoyl-acyl carrier protein thioesterase 1, chloroplastic'
2 non-polymer N-[(3S)-1-propanoylpiperidin-3-yl]methanesulfonamide
3 water water
#
_entity_poly.entity_id   1
_entity_poly.type   'polypeptide(L)'
_entity_poly.pdbx_seq_one_letter_code
;MGSLTEDGLSYKEKFVVRSYEVGSNKTATVETIANLLQEVGCNHAQSVGFSTDGFATTTTMRKLHLIWVTARMHIEIYKY
PAWGDVVEIETWCQSEGRIGTRRDWILKDSVTGEVTGRATSKWVMMNQDTRRLQKVSDDVRDEYLVFCPQEPRLAFPEEN
NRSLKKIPKLEDPAQYSMIGLKPRRADLDMNQHVNNVTYIGWVLESIPQEIVDTHELQVITLDYRRECQQDDVVDSLTTT
TSEIGGTNGSATSGTQGHNDSQFLHLLRLSGDGQEINRGTTLWRKKPSSHHHHHH
;
_entity_poly.pdbx_strand_id   A,B
#
loop_
_chem_comp.id
_chem_comp.type
_chem_comp.name
_chem_comp.formula
A1BF0 non-polymer N-[(3S)-1-propanoylpiperidin-3-yl]methanesulfonamide 'C9 H18 N2 O3 S'
#
# COMPACT_ATOMS: atom_id res chain seq x y z
N GLY A 2 -1.45 -1.40 -19.94
CA GLY A 2 -0.08 -1.44 -20.45
C GLY A 2 0.10 -2.40 -21.60
N SER A 3 1.22 -2.25 -22.31
CA SER A 3 1.53 -3.13 -23.43
C SER A 3 3.01 -3.05 -23.85
N LEU A 4 3.52 -4.09 -24.51
CA LEU A 4 4.88 -4.09 -25.03
C LEU A 4 4.98 -3.06 -26.16
N THR A 5 6.13 -2.40 -26.29
CA THR A 5 6.34 -1.45 -27.38
C THR A 5 6.37 -2.18 -28.75
N GLU A 6 6.42 -1.44 -29.87
CA GLU A 6 6.42 -2.02 -31.21
C GLU A 6 7.45 -3.13 -31.44
N ASP A 7 8.69 -2.93 -30.98
CA ASP A 7 9.74 -3.93 -31.15
C ASP A 7 9.68 -5.11 -30.15
N GLY A 8 8.84 -5.01 -29.12
CA GLY A 8 8.71 -6.05 -28.11
C GLY A 8 9.94 -6.20 -27.23
N LEU A 9 10.79 -5.16 -27.18
CA LEU A 9 12.00 -5.15 -26.35
C LEU A 9 11.89 -4.25 -25.10
N SER A 10 10.70 -3.69 -24.84
CA SER A 10 10.37 -2.87 -23.67
C SER A 10 8.83 -2.83 -23.44
N TYR A 11 8.38 -2.39 -22.26
CA TYR A 11 6.96 -2.38 -21.92
C TYR A 11 6.54 -1.03 -21.37
N LYS A 12 5.38 -0.50 -21.79
CA LYS A 12 4.89 0.78 -21.28
C LYS A 12 3.56 0.64 -20.55
N GLU A 13 3.35 1.41 -19.47
CA GLU A 13 2.08 1.40 -18.75
C GLU A 13 1.80 2.76 -18.12
N LYS A 14 0.54 3.23 -18.16
CA LYS A 14 0.15 4.49 -17.56
C LYS A 14 -0.57 4.25 -16.24
N PHE A 15 -0.24 5.03 -15.20
CA PHE A 15 -0.86 4.87 -13.87
C PHE A 15 -1.45 6.18 -13.41
N VAL A 16 -2.68 6.16 -12.90
CA VAL A 16 -3.28 7.37 -12.34
C VAL A 16 -2.92 7.39 -10.87
N VAL A 17 -2.36 8.49 -10.37
CA VAL A 17 -1.96 8.56 -8.96
C VAL A 17 -3.19 8.62 -8.03
N ARG A 18 -3.24 7.72 -7.04
CA ARG A 18 -4.36 7.58 -6.10
C ARG A 18 -4.23 8.42 -4.83
N SER A 19 -5.36 8.70 -4.19
CA SER A 19 -5.47 9.50 -2.97
C SER A 19 -4.63 8.97 -1.81
N TYR A 20 -4.65 7.65 -1.56
CA TYR A 20 -3.87 7.07 -0.47
C TYR A 20 -2.37 6.88 -0.80
N GLU A 21 -1.97 7.23 -2.04
CA GLU A 21 -0.59 7.07 -2.51
C GLU A 21 0.26 8.33 -2.39
N VAL A 22 -0.34 9.48 -2.01
CA VAL A 22 0.39 10.74 -1.89
C VAL A 22 0.77 11.07 -0.43
N GLY A 23 1.82 11.89 -0.28
CA GLY A 23 2.32 12.32 1.02
C GLY A 23 1.79 13.69 1.44
N SER A 24 2.50 14.36 2.35
N SER A 24 2.50 14.36 2.35
N SER A 24 2.50 14.36 2.35
CA SER A 24 2.12 15.69 2.85
CA SER A 24 2.12 15.69 2.85
CA SER A 24 2.12 15.69 2.85
C SER A 24 2.18 16.80 1.80
C SER A 24 2.18 16.79 1.81
C SER A 24 2.18 16.80 1.80
N ASN A 25 2.98 16.62 0.74
CA ASN A 25 3.09 17.61 -0.33
C ASN A 25 2.02 17.42 -1.45
N LYS A 26 1.06 16.50 -1.25
CA LYS A 26 0.02 16.12 -2.22
C LYS A 26 0.60 15.53 -3.52
N THR A 27 1.82 14.97 -3.45
CA THR A 27 2.49 14.27 -4.55
C THR A 27 2.81 12.85 -4.11
N ALA A 28 2.90 11.91 -5.06
CA ALA A 28 3.19 10.51 -4.79
C ALA A 28 4.46 10.31 -3.99
N THR A 29 4.47 9.35 -3.05
CA THR A 29 5.65 9.08 -2.24
C THR A 29 6.64 8.22 -3.02
N VAL A 30 7.90 8.14 -2.57
CA VAL A 30 8.90 7.31 -3.24
C VAL A 30 8.56 5.82 -3.11
N GLU A 31 7.78 5.43 -2.09
CA GLU A 31 7.34 4.04 -1.94
C GLU A 31 6.25 3.71 -2.95
N THR A 32 5.39 4.68 -3.29
CA THR A 32 4.36 4.49 -4.31
C THR A 32 5.04 4.31 -5.65
N ILE A 33 6.04 5.16 -5.95
CA ILE A 33 6.83 5.07 -7.18
C ILE A 33 7.50 3.69 -7.27
N ALA A 34 8.16 3.24 -6.20
CA ALA A 34 8.81 1.93 -6.15
C ALA A 34 7.82 0.76 -6.32
N ASN A 35 6.57 0.96 -5.91
CA ASN A 35 5.52 -0.04 -6.08
C ASN A 35 5.11 -0.10 -7.55
N LEU A 36 4.98 1.06 -8.20
CA LEU A 36 4.62 1.16 -9.62
C LEU A 36 5.70 0.55 -10.52
N LEU A 37 6.98 0.65 -10.12
CA LEU A 37 8.07 0.04 -10.88
C LEU A 37 7.97 -1.49 -10.80
N GLN A 38 7.67 -2.01 -9.61
CA GLN A 38 7.49 -3.44 -9.38
C GLN A 38 6.31 -3.95 -10.20
N GLU A 39 5.19 -3.21 -10.19
CA GLU A 39 3.98 -3.53 -10.95
C GLU A 39 4.25 -3.55 -12.46
N VAL A 40 4.87 -2.52 -13.03
CA VAL A 40 5.15 -2.48 -14.46
C VAL A 40 6.16 -3.58 -14.85
N GLY A 41 7.10 -3.89 -13.97
CA GLY A 41 8.07 -4.97 -14.19
C GLY A 41 7.42 -6.35 -14.17
N CYS A 42 6.37 -6.51 -13.34
N CYS A 42 6.37 -6.51 -13.34
N CYS A 42 6.37 -6.51 -13.34
CA CYS A 42 5.65 -7.77 -13.26
CA CYS A 42 5.64 -7.76 -13.23
CA CYS A 42 5.65 -7.77 -13.26
C CYS A 42 4.83 -8.01 -14.52
C CYS A 42 4.81 -8.01 -14.49
C CYS A 42 4.83 -8.01 -14.52
N ASN A 43 4.19 -6.95 -15.03
CA ASN A 43 3.38 -7.05 -16.25
C ASN A 43 4.22 -7.24 -17.49
N HIS A 44 5.47 -6.72 -17.51
CA HIS A 44 6.37 -6.92 -18.64
C HIS A 44 6.72 -8.41 -18.74
N ALA A 45 6.96 -9.08 -17.59
CA ALA A 45 7.28 -10.51 -17.54
C ALA A 45 6.06 -11.36 -17.91
N GLN A 46 4.87 -10.93 -17.49
CA GLN A 46 3.63 -11.63 -17.80
C GLN A 46 3.32 -11.53 -19.30
N SER A 47 3.58 -10.36 -19.90
N SER A 47 3.57 -10.36 -19.90
N SER A 47 3.58 -10.36 -19.90
CA SER A 47 3.32 -10.13 -21.32
CA SER A 47 3.30 -10.15 -21.33
CA SER A 47 3.32 -10.13 -21.32
C SER A 47 4.16 -11.00 -22.25
C SER A 47 4.16 -11.00 -22.25
C SER A 47 4.16 -11.00 -22.25
N VAL A 48 5.30 -11.50 -21.77
CA VAL A 48 6.17 -12.37 -22.58
C VAL A 48 6.27 -13.81 -22.02
N GLY A 49 5.34 -14.19 -21.14
CA GLY A 49 5.25 -15.53 -20.58
C GLY A 49 6.27 -15.88 -19.52
N PHE A 50 6.11 -15.31 -18.31
CA PHE A 50 6.98 -15.59 -17.15
C PHE A 50 6.14 -15.65 -15.86
N SER A 51 6.66 -16.32 -14.81
CA SER A 51 5.95 -16.43 -13.53
C SER A 51 6.90 -16.77 -12.39
N ALA A 56 10.10 -14.13 -11.90
CA ALA A 56 10.15 -14.14 -13.36
C ALA A 56 10.98 -15.34 -13.82
N THR A 57 10.53 -16.53 -13.45
CA THR A 57 11.21 -17.78 -13.74
C THR A 57 10.95 -18.36 -15.12
N THR A 58 12.00 -18.93 -15.71
CA THR A 58 11.96 -19.64 -17.01
C THR A 58 11.68 -21.14 -16.73
N THR A 59 11.64 -21.99 -17.77
CA THR A 59 11.40 -23.42 -17.57
C THR A 59 12.60 -24.11 -16.90
N THR A 60 13.84 -23.61 -17.16
CA THR A 60 15.06 -24.16 -16.54
C THR A 60 15.22 -23.66 -15.08
N MET A 61 14.78 -22.43 -14.81
N MET A 61 14.79 -22.43 -14.81
N MET A 61 14.78 -22.43 -14.81
CA MET A 61 14.87 -21.87 -13.47
CA MET A 61 14.87 -21.88 -13.46
CA MET A 61 14.87 -21.87 -13.47
C MET A 61 13.92 -22.59 -12.52
C MET A 61 13.92 -22.61 -12.52
C MET A 61 13.92 -22.59 -12.52
N ARG A 62 12.71 -22.93 -12.99
CA ARG A 62 11.73 -23.64 -12.17
C ARG A 62 12.17 -25.08 -11.88
N LYS A 63 12.82 -25.71 -12.87
CA LYS A 63 13.34 -27.07 -12.82
C LYS A 63 14.43 -27.20 -11.74
N LEU A 64 15.35 -26.22 -11.68
CA LEU A 64 16.45 -26.25 -10.73
C LEU A 64 16.21 -25.49 -9.43
N HIS A 65 14.97 -25.04 -9.17
CA HIS A 65 14.59 -24.29 -7.96
C HIS A 65 15.38 -22.96 -7.83
N LEU A 66 15.59 -22.24 -8.94
CA LEU A 66 16.32 -20.96 -8.99
C LEU A 66 15.35 -19.77 -9.11
N ILE A 67 15.68 -18.66 -8.43
CA ILE A 67 14.87 -17.43 -8.46
C ILE A 67 15.72 -16.18 -8.72
N TRP A 68 15.09 -15.10 -9.16
CA TRP A 68 15.75 -13.82 -9.37
C TRP A 68 15.55 -12.98 -8.13
N VAL A 69 16.64 -12.49 -7.52
CA VAL A 69 16.54 -11.64 -6.33
C VAL A 69 17.21 -10.27 -6.57
N THR A 70 16.75 -9.21 -5.90
CA THR A 70 17.35 -7.88 -6.07
C THR A 70 18.66 -7.76 -5.27
N ALA A 71 19.69 -7.21 -5.88
CA ALA A 71 20.95 -6.96 -5.22
C ALA A 71 21.11 -5.47 -4.92
N ARG A 72 20.58 -4.60 -5.79
CA ARG A 72 20.65 -3.15 -5.65
C ARG A 72 19.47 -2.49 -6.37
N MET A 73 18.96 -1.41 -5.78
CA MET A 73 17.89 -0.59 -6.31
C MET A 73 18.38 0.85 -6.30
N HIS A 74 18.16 1.58 -7.39
CA HIS A 74 18.59 2.98 -7.48
C HIS A 74 17.47 3.78 -8.14
N ILE A 75 16.96 4.83 -7.47
CA ILE A 75 15.86 5.64 -8.00
C ILE A 75 16.20 7.12 -7.94
N GLU A 76 16.06 7.85 -9.04
CA GLU A 76 16.33 9.29 -9.05
C GLU A 76 15.10 10.05 -9.58
N ILE A 77 14.43 10.83 -8.70
CA ILE A 77 13.21 11.57 -9.05
C ILE A 77 13.43 13.06 -9.23
N TYR A 78 12.92 13.64 -10.32
CA TYR A 78 12.99 15.08 -10.59
C TYR A 78 11.67 15.75 -10.21
N LYS A 79 10.54 15.06 -10.42
CA LYS A 79 9.23 15.58 -10.09
C LYS A 79 8.33 14.42 -9.66
N TYR A 80 7.66 14.55 -8.51
CA TYR A 80 6.75 13.51 -8.04
C TYR A 80 5.38 13.81 -8.60
N PRO A 81 4.72 12.84 -9.28
CA PRO A 81 3.39 13.12 -9.84
C PRO A 81 2.38 13.49 -8.78
N ALA A 82 1.53 14.49 -9.06
CA ALA A 82 0.51 14.91 -8.10
C ALA A 82 -0.70 13.93 -8.08
N TRP A 83 -1.54 14.01 -7.05
CA TRP A 83 -2.73 13.17 -6.92
C TRP A 83 -3.69 13.46 -8.09
N GLY A 84 -3.92 12.45 -8.91
CA GLY A 84 -4.79 12.57 -10.08
C GLY A 84 -4.05 12.56 -11.40
N ASP A 85 -2.75 12.87 -11.37
CA ASP A 85 -1.91 12.91 -12.57
C ASP A 85 -1.60 11.53 -13.10
N VAL A 86 -1.52 11.39 -14.41
CA VAL A 86 -1.17 10.12 -15.04
C VAL A 86 0.35 10.08 -15.23
N VAL A 87 0.99 8.95 -14.89
CA VAL A 87 2.42 8.80 -15.07
C VAL A 87 2.73 7.57 -15.94
N GLU A 88 3.48 7.77 -17.02
CA GLU A 88 3.83 6.65 -17.90
C GLU A 88 5.23 6.11 -17.60
N ILE A 89 5.32 4.82 -17.28
CA ILE A 89 6.59 4.18 -16.97
C ILE A 89 6.96 3.18 -18.06
N GLU A 90 8.17 3.29 -18.61
CA GLU A 90 8.68 2.36 -19.60
C GLU A 90 9.82 1.53 -19.00
N THR A 91 9.66 0.21 -18.99
CA THR A 91 10.69 -0.67 -18.44
C THR A 91 11.26 -1.65 -19.48
N TRP A 92 12.45 -2.19 -19.21
CA TRP A 92 13.13 -3.13 -20.07
C TRP A 92 14.26 -3.83 -19.31
N CYS A 93 14.67 -5.00 -19.77
CA CYS A 93 15.75 -5.78 -19.17
C CYS A 93 16.99 -5.83 -20.05
N GLN A 94 18.11 -6.20 -19.45
CA GLN A 94 19.36 -6.38 -20.17
C GLN A 94 20.28 -7.33 -19.41
N SER A 95 21.02 -8.15 -20.16
CA SER A 95 21.93 -9.10 -19.55
C SER A 95 23.22 -8.40 -19.12
N GLU A 96 23.72 -8.77 -17.95
CA GLU A 96 24.98 -8.25 -17.45
C GLU A 96 25.99 -9.40 -17.38
N GLY A 97 26.03 -10.20 -18.43
CA GLY A 97 26.90 -11.37 -18.48
C GLY A 97 26.43 -12.43 -17.50
N ARG A 98 27.38 -13.12 -16.85
CA ARG A 98 27.02 -14.14 -15.86
C ARG A 98 26.76 -13.56 -14.46
N ILE A 99 26.86 -12.23 -14.29
CA ILE A 99 26.61 -11.59 -12.99
C ILE A 99 25.13 -11.70 -12.66
N GLY A 100 24.29 -11.34 -13.63
CA GLY A 100 22.84 -11.38 -13.51
C GLY A 100 22.16 -10.50 -14.54
N THR A 101 20.93 -10.09 -14.26
CA THR A 101 20.21 -9.19 -15.16
C THR A 101 20.15 -7.78 -14.57
N ARG A 102 19.73 -6.83 -15.39
CA ARG A 102 19.53 -5.46 -14.97
C ARG A 102 18.18 -4.99 -15.52
N ARG A 103 17.35 -4.34 -14.68
CA ARG A 103 16.08 -3.81 -15.16
C ARG A 103 16.07 -2.31 -15.00
N ASP A 104 15.76 -1.56 -16.07
CA ASP A 104 15.73 -0.09 -16.01
C ASP A 104 14.30 0.46 -16.19
N TRP A 105 14.06 1.68 -15.72
CA TRP A 105 12.75 2.33 -15.85
C TRP A 105 12.90 3.81 -16.19
N ILE A 106 11.95 4.35 -16.94
CA ILE A 106 11.91 5.78 -17.26
C ILE A 106 10.51 6.25 -16.92
N LEU A 107 10.39 7.24 -16.02
CA LEU A 107 9.09 7.77 -15.64
C LEU A 107 8.87 9.04 -16.40
N LYS A 108 7.69 9.20 -16.98
CA LYS A 108 7.37 10.39 -17.77
C LYS A 108 6.03 11.00 -17.41
N ASP A 109 5.84 12.29 -17.76
CA ASP A 109 4.57 12.96 -17.55
C ASP A 109 3.70 12.61 -18.76
N SER A 110 2.47 12.15 -18.51
CA SER A 110 1.57 11.77 -19.59
C SER A 110 1.08 12.99 -20.42
N VAL A 111 1.12 14.20 -19.84
CA VAL A 111 0.66 15.39 -20.54
C VAL A 111 1.79 16.11 -21.27
N THR A 112 2.89 16.40 -20.58
CA THR A 112 4.02 17.10 -21.18
C THR A 112 5.00 16.18 -21.92
N GLY A 113 5.13 14.94 -21.45
CA GLY A 113 6.04 13.98 -22.06
C GLY A 113 7.46 14.05 -21.54
N GLU A 114 7.70 14.84 -20.49
CA GLU A 114 9.03 15.02 -19.92
C GLU A 114 9.37 13.93 -18.93
N VAL A 115 10.67 13.60 -18.81
CA VAL A 115 11.16 12.59 -17.88
C VAL A 115 11.10 13.16 -16.48
N THR A 116 10.25 12.60 -15.62
CA THR A 116 10.14 13.10 -14.24
C THR A 116 10.87 12.22 -13.20
N GLY A 117 11.49 11.14 -13.66
CA GLY A 117 12.23 10.21 -12.82
C GLY A 117 12.80 9.06 -13.62
N ARG A 118 13.73 8.31 -13.02
CA ARG A 118 14.33 7.14 -13.66
C ARG A 118 14.92 6.19 -12.63
N ALA A 119 14.88 4.90 -12.92
CA ALA A 119 15.38 3.91 -11.98
C ALA A 119 16.19 2.80 -12.66
N THR A 120 17.03 2.11 -11.88
CA THR A 120 17.83 0.98 -12.31
C THR A 120 17.97 -0.01 -11.17
N SER A 121 18.08 -1.29 -11.48
CA SER A 121 18.21 -2.32 -10.48
C SER A 121 19.05 -3.49 -10.99
N LYS A 122 19.86 -4.09 -10.12
CA LYS A 122 20.65 -5.25 -10.50
C LYS A 122 20.08 -6.50 -9.84
N TRP A 123 19.72 -7.51 -10.64
CA TRP A 123 19.15 -8.75 -10.12
C TRP A 123 20.15 -9.89 -10.23
N VAL A 124 20.17 -10.80 -9.24
CA VAL A 124 21.08 -11.94 -9.25
C VAL A 124 20.35 -13.29 -9.23
N MET A 125 21.03 -14.34 -9.71
CA MET A 125 20.50 -15.69 -9.74
C MET A 125 20.77 -16.36 -8.38
N MET A 126 19.78 -17.09 -7.82
CA MET A 126 19.94 -17.69 -6.50
C MET A 126 19.06 -18.92 -6.29
N ASN A 127 19.57 -19.98 -5.63
CA ASN A 127 18.73 -21.15 -5.33
C ASN A 127 17.74 -20.74 -4.26
N GLN A 128 16.45 -20.86 -4.56
CA GLN A 128 15.32 -20.51 -3.72
C GLN A 128 15.33 -21.20 -2.34
N ASP A 129 15.83 -22.46 -2.27
CA ASP A 129 15.89 -23.23 -1.04
C ASP A 129 17.15 -22.97 -0.19
N THR A 130 18.34 -23.13 -0.78
CA THR A 130 19.61 -22.94 -0.06
C THR A 130 20.04 -21.49 0.09
N ARG A 131 19.35 -20.55 -0.59
CA ARG A 131 19.68 -19.12 -0.58
C ARG A 131 21.08 -18.81 -1.16
N ARG A 132 21.69 -19.78 -1.89
CA ARG A 132 23.02 -19.63 -2.44
C ARG A 132 23.01 -18.95 -3.78
N LEU A 133 23.67 -17.79 -3.86
CA LEU A 133 23.79 -17.05 -5.12
C LEU A 133 24.64 -17.84 -6.10
N GLN A 134 24.32 -17.73 -7.38
CA GLN A 134 25.09 -18.39 -8.43
C GLN A 134 25.10 -17.59 -9.72
N LYS A 135 26.08 -17.86 -10.59
CA LYS A 135 26.19 -17.17 -11.87
C LYS A 135 25.12 -17.64 -12.84
N VAL A 136 24.73 -16.79 -13.79
CA VAL A 136 23.73 -17.15 -14.78
C VAL A 136 24.36 -18.14 -15.78
N SER A 137 23.77 -19.34 -15.91
CA SER A 137 24.27 -20.32 -16.86
C SER A 137 23.89 -19.98 -18.31
N ASP A 138 24.50 -20.63 -19.30
CA ASP A 138 24.21 -20.34 -20.70
C ASP A 138 22.79 -20.68 -21.13
N ASP A 139 22.28 -21.85 -20.72
CA ASP A 139 20.93 -22.32 -21.08
C ASP A 139 19.82 -21.41 -20.56
N VAL A 140 20.04 -20.76 -19.41
CA VAL A 140 19.06 -19.83 -18.86
C VAL A 140 19.13 -18.52 -19.62
N ARG A 141 20.36 -18.01 -19.85
CA ARG A 141 20.64 -16.77 -20.55
C ARG A 141 20.02 -16.72 -21.94
N ASP A 142 20.04 -17.83 -22.67
CA ASP A 142 19.48 -17.91 -24.01
C ASP A 142 17.95 -17.84 -24.02
N GLU A 143 17.30 -18.25 -22.93
CA GLU A 143 15.85 -18.25 -22.82
C GLU A 143 15.24 -16.86 -22.68
N TYR A 144 16.02 -15.88 -22.18
CA TYR A 144 15.48 -14.54 -22.00
C TYR A 144 16.13 -13.45 -22.86
N LEU A 145 17.29 -13.74 -23.46
CA LEU A 145 18.02 -12.79 -24.29
C LEU A 145 17.21 -12.25 -25.47
N VAL A 146 16.24 -13.02 -25.93
CA VAL A 146 15.32 -12.66 -27.02
C VAL A 146 14.34 -11.54 -26.61
N PHE A 147 14.18 -11.27 -25.31
CA PHE A 147 13.31 -10.22 -24.78
C PHE A 147 14.08 -8.97 -24.31
N CYS A 148 15.38 -8.90 -24.61
CA CYS A 148 16.23 -7.79 -24.21
C CYS A 148 16.82 -7.12 -25.43
N PRO A 149 17.05 -5.79 -25.39
CA PRO A 149 17.74 -5.14 -26.52
C PRO A 149 19.18 -5.65 -26.62
N GLN A 150 19.69 -5.83 -27.83
CA GLN A 150 21.04 -6.34 -28.03
C GLN A 150 22.08 -5.25 -27.80
N GLU A 151 21.81 -4.03 -28.28
CA GLU A 151 22.70 -2.90 -28.04
C GLU A 151 22.34 -2.33 -26.66
N PRO A 152 23.34 -1.91 -25.88
CA PRO A 152 23.04 -1.37 -24.55
C PRO A 152 22.05 -0.21 -24.53
N ARG A 153 21.14 -0.21 -23.56
CA ARG A 153 20.14 0.84 -23.38
C ARG A 153 20.07 1.12 -21.89
N LEU A 154 20.80 2.15 -21.43
CA LEU A 154 20.92 2.44 -20.01
C LEU A 154 20.12 3.65 -19.60
N ALA A 155 19.41 3.57 -18.49
CA ALA A 155 18.69 4.73 -17.95
C ALA A 155 19.71 5.71 -17.34
N PHE A 156 20.82 5.19 -16.77
CA PHE A 156 21.90 5.96 -16.18
C PHE A 156 23.19 5.67 -16.95
N PRO A 157 23.39 6.32 -18.09
CA PRO A 157 24.57 6.01 -18.90
C PRO A 157 25.85 6.77 -18.53
N GLU A 158 25.71 7.97 -17.94
CA GLU A 158 26.79 8.88 -17.54
C GLU A 158 28.07 8.21 -17.03
N GLU A 159 29.23 8.73 -17.51
CA GLU A 159 30.60 8.29 -17.22
C GLU A 159 30.88 7.98 -15.76
N ASN A 160 30.33 8.78 -14.85
CA ASN A 160 30.51 8.58 -13.41
C ASN A 160 29.15 8.70 -12.72
N ASN A 161 28.24 7.75 -12.98
CA ASN A 161 26.91 7.80 -12.40
C ASN A 161 26.87 7.29 -10.96
N ARG A 162 25.89 7.77 -10.18
CA ARG A 162 25.74 7.43 -8.76
C ARG A 162 25.10 6.06 -8.49
N SER A 163 24.65 5.35 -9.54
CA SER A 163 24.02 4.04 -9.40
C SER A 163 25.01 2.87 -9.24
N LEU A 164 26.30 3.12 -9.47
CA LEU A 164 27.33 2.08 -9.42
C LEU A 164 28.41 2.30 -8.34
N LYS A 165 28.26 3.34 -7.51
CA LYS A 165 29.25 3.63 -6.47
C LYS A 165 29.14 2.68 -5.28
N LYS A 166 30.26 2.41 -4.60
CA LYS A 166 30.30 1.51 -3.45
C LYS A 166 29.71 2.18 -2.19
N ILE A 167 28.76 1.50 -1.50
CA ILE A 167 28.17 2.06 -0.28
C ILE A 167 28.90 1.55 0.96
N PRO A 168 29.44 2.45 1.79
CA PRO A 168 30.13 2.02 3.00
C PRO A 168 29.19 1.57 4.14
N LYS A 169 29.76 0.98 5.19
CA LYS A 169 28.96 0.54 6.34
C LYS A 169 28.97 1.62 7.42
N LEU A 170 27.78 1.99 7.89
CA LEU A 170 27.55 3.00 8.93
C LEU A 170 28.24 2.60 10.23
N GLU A 171 28.99 3.52 10.83
CA GLU A 171 29.70 3.28 12.08
C GLU A 171 28.86 3.70 13.29
N ASP A 172 28.93 2.93 14.39
CA ASP A 172 28.20 3.25 15.61
C ASP A 172 28.97 4.28 16.45
N PRO A 173 28.29 5.25 17.08
CA PRO A 173 26.83 5.44 17.12
C PRO A 173 26.26 6.17 15.89
N ALA A 174 25.02 5.83 15.50
CA ALA A 174 24.36 6.49 14.38
C ALA A 174 23.80 7.81 14.85
N GLN A 175 23.73 8.82 13.96
CA GLN A 175 23.20 10.13 14.34
C GLN A 175 21.70 10.04 14.66
N TYR A 176 20.97 9.28 13.85
CA TYR A 176 19.54 9.07 14.01
C TYR A 176 19.20 7.57 13.97
N SER A 177 18.08 7.18 14.58
CA SER A 177 17.63 5.80 14.55
C SER A 177 16.12 5.63 14.76
N MET A 178 15.58 4.54 14.26
CA MET A 178 14.18 4.16 14.46
C MET A 178 14.25 2.68 14.80
N ILE A 179 13.86 2.31 16.02
CA ILE A 179 14.00 0.95 16.58
C ILE A 179 12.68 0.17 16.73
N GLY A 180 12.75 -1.16 16.61
CA GLY A 180 11.60 -2.04 16.82
C GLY A 180 10.61 -2.11 15.70
N LEU A 181 11.10 -2.04 14.45
CA LEU A 181 10.28 -2.08 13.24
C LEU A 181 10.02 -3.52 12.81
N LYS A 182 8.75 -3.99 12.90
CA LYS A 182 8.42 -5.36 12.48
C LYS A 182 7.40 -5.34 11.35
N PRO A 183 7.58 -6.21 10.34
CA PRO A 183 6.64 -6.21 9.22
C PRO A 183 5.27 -6.83 9.54
N ARG A 184 4.22 -6.30 8.90
CA ARG A 184 2.87 -6.85 9.05
C ARG A 184 2.46 -7.60 7.76
N ARG A 185 1.24 -8.20 7.72
CA ARG A 185 0.82 -8.96 6.53
C ARG A 185 0.73 -8.10 5.26
N ALA A 186 0.52 -6.78 5.41
CA ALA A 186 0.50 -5.86 4.28
C ALA A 186 1.92 -5.68 3.67
N ASP A 187 2.97 -5.89 4.48
CA ASP A 187 4.37 -5.80 4.06
C ASP A 187 4.85 -7.07 3.33
N LEU A 188 4.07 -8.16 3.36
CA LEU A 188 4.40 -9.42 2.70
C LEU A 188 3.76 -9.46 1.32
N ASP A 189 4.33 -10.27 0.42
CA ASP A 189 3.78 -10.42 -0.93
C ASP A 189 2.98 -11.76 -1.06
N MET A 190 2.66 -12.18 -2.30
CA MET A 190 1.94 -13.41 -2.59
C MET A 190 2.69 -14.69 -2.14
N ASN A 191 4.01 -14.60 -1.99
CA ASN A 191 4.83 -15.74 -1.54
C ASN A 191 5.24 -15.66 -0.06
N GLN A 192 4.65 -14.71 0.69
CA GLN A 192 4.85 -14.45 2.13
C GLN A 192 6.23 -13.87 2.49
N HIS A 193 6.95 -13.34 1.50
CA HIS A 193 8.25 -12.70 1.77
C HIS A 193 8.04 -11.18 1.93
N VAL A 194 8.88 -10.51 2.73
CA VAL A 194 8.77 -9.06 2.92
C VAL A 194 9.13 -8.38 1.60
N ASN A 195 8.18 -7.58 1.08
CA ASN A 195 8.26 -6.82 -0.15
C ASN A 195 9.50 -5.92 -0.14
N ASN A 196 10.21 -5.80 -1.26
CA ASN A 196 11.42 -4.97 -1.32
C ASN A 196 11.19 -3.49 -1.08
N VAL A 197 9.94 -3.03 -1.25
CA VAL A 197 9.52 -1.65 -1.06
C VAL A 197 9.50 -1.27 0.41
N THR A 198 9.18 -2.24 1.31
CA THR A 198 9.13 -2.04 2.76
C THR A 198 10.47 -1.60 3.32
N TYR A 199 11.57 -2.14 2.77
CA TYR A 199 12.92 -1.78 3.17
C TYR A 199 13.19 -0.30 2.91
N ILE A 200 12.63 0.27 1.84
CA ILE A 200 12.78 1.69 1.52
C ILE A 200 12.06 2.53 2.59
N GLY A 201 10.89 2.08 3.02
CA GLY A 201 10.10 2.74 4.05
C GLY A 201 10.77 2.71 5.41
N TRP A 202 11.42 1.57 5.72
CA TRP A 202 12.15 1.37 6.96
C TRP A 202 13.43 2.21 6.95
N VAL A 203 14.13 2.28 5.81
CA VAL A 203 15.33 3.12 5.65
C VAL A 203 14.98 4.58 5.93
N LEU A 204 13.87 5.06 5.37
CA LEU A 204 13.45 6.45 5.53
C LEU A 204 12.79 6.77 6.88
N GLU A 205 12.55 5.77 7.74
CA GLU A 205 11.96 5.99 9.07
C GLU A 205 12.94 6.67 10.05
N SER A 206 14.24 6.50 9.83
CA SER A 206 15.25 7.14 10.66
C SER A 206 15.64 8.54 10.15
N ILE A 207 15.06 9.01 9.02
CA ILE A 207 15.29 10.37 8.53
C ILE A 207 14.45 11.28 9.44
N PRO A 208 15.05 12.33 10.02
CA PRO A 208 14.28 13.21 10.90
C PRO A 208 13.08 13.86 10.21
N GLN A 209 11.99 14.08 10.96
CA GLN A 209 10.79 14.68 10.40
C GLN A 209 11.04 16.07 9.82
N GLU A 210 11.95 16.85 10.43
CA GLU A 210 12.30 18.17 9.93
C GLU A 210 12.89 18.15 8.52
N ILE A 211 13.74 17.15 8.24
CA ILE A 211 14.35 16.95 6.93
C ILE A 211 13.26 16.64 5.91
N VAL A 212 12.31 15.79 6.27
CA VAL A 212 11.19 15.41 5.40
C VAL A 212 10.31 16.63 5.08
N ASP A 213 9.94 17.41 6.10
CA ASP A 213 9.11 18.59 5.96
C ASP A 213 9.74 19.75 5.17
N THR A 214 11.08 19.83 5.15
CA THR A 214 11.78 20.92 4.46
C THR A 214 12.57 20.49 3.22
N HIS A 215 12.57 19.20 2.88
CA HIS A 215 13.31 18.72 1.72
C HIS A 215 12.52 17.72 0.88
N GLU A 216 12.95 17.55 -0.37
CA GLU A 216 12.36 16.57 -1.28
C GLU A 216 13.42 15.52 -1.59
N LEU A 217 13.03 14.24 -1.59
CA LEU A 217 13.99 13.16 -1.86
C LEU A 217 14.33 13.11 -3.36
N GLN A 218 15.58 13.42 -3.69
CA GLN A 218 16.03 13.38 -5.08
C GLN A 218 16.55 11.98 -5.47
N VAL A 219 17.52 11.42 -4.75
CA VAL A 219 18.08 10.10 -5.07
C VAL A 219 18.01 9.14 -3.86
N ILE A 220 18.00 7.82 -4.14
CA ILE A 220 18.05 6.73 -3.17
C ILE A 220 18.72 5.50 -3.76
N THR A 221 19.89 5.13 -3.25
CA THR A 221 20.58 3.92 -3.69
C THR A 221 20.53 2.97 -2.52
N LEU A 222 20.02 1.77 -2.73
CA LEU A 222 19.88 0.80 -1.65
C LEU A 222 20.38 -0.60 -2.03
N ASP A 223 21.39 -1.11 -1.31
CA ASP A 223 21.97 -2.43 -1.51
C ASP A 223 21.25 -3.45 -0.61
N TYR A 224 20.85 -4.59 -1.18
CA TYR A 224 20.13 -5.66 -0.47
C TYR A 224 21.09 -6.81 -0.12
N ARG A 225 21.32 -7.05 1.18
CA ARG A 225 22.25 -8.08 1.63
C ARG A 225 21.58 -9.35 2.14
N ARG A 226 20.52 -9.21 2.93
CA ARG A 226 19.83 -10.36 3.50
C ARG A 226 18.34 -10.08 3.57
N GLU A 227 17.52 -11.12 3.39
CA GLU A 227 16.07 -10.96 3.45
C GLU A 227 15.59 -11.03 4.92
N CYS A 228 14.70 -10.11 5.31
CA CYS A 228 14.14 -10.04 6.66
C CYS A 228 12.92 -10.99 6.72
N GLN A 229 12.87 -11.87 7.73
CA GLN A 229 11.74 -12.77 7.87
C GLN A 229 10.55 -12.07 8.51
N GLN A 230 9.36 -12.66 8.40
CA GLN A 230 8.12 -12.14 8.96
C GLN A 230 8.25 -11.96 10.49
N ASP A 231 8.95 -12.88 11.16
CA ASP A 231 9.12 -12.82 12.61
C ASP A 231 10.39 -12.08 13.08
N ASP A 232 11.05 -11.33 12.18
CA ASP A 232 12.25 -10.57 12.52
C ASP A 232 11.88 -9.11 12.88
N VAL A 233 12.80 -8.43 13.60
CA VAL A 233 12.65 -7.04 14.01
C VAL A 233 13.85 -6.27 13.47
N VAL A 234 13.60 -5.13 12.82
CA VAL A 234 14.63 -4.30 12.19
C VAL A 234 14.93 -2.99 12.95
N ASP A 235 16.19 -2.58 12.92
CA ASP A 235 16.67 -1.32 13.47
C ASP A 235 17.12 -0.47 12.28
N SER A 236 16.64 0.77 12.18
CA SER A 236 16.99 1.66 11.07
C SER A 236 17.95 2.75 11.54
N LEU A 237 19.16 2.83 10.97
CA LEU A 237 20.17 3.80 11.39
C LEU A 237 20.51 4.81 10.28
N THR A 238 20.69 6.09 10.62
CA THR A 238 20.99 7.14 9.65
C THR A 238 22.05 8.12 10.19
N THR A 239 22.98 8.59 9.33
CA THR A 239 23.98 9.59 9.71
C THR A 239 24.16 10.59 8.56
N THR A 240 24.18 11.90 8.84
CA THR A 240 24.36 12.89 7.79
C THR A 240 25.82 12.88 7.31
N THR A 241 26.04 12.77 6.00
CA THR A 241 27.40 12.72 5.46
C THR A 241 27.72 13.96 4.63
N SER A 242 27.19 15.12 5.04
CA SER A 242 27.45 16.37 4.31
C SER A 242 27.62 17.56 5.27
N ASN A 259 23.26 23.44 0.62
CA ASN A 259 22.39 23.33 -0.55
C ASN A 259 21.64 21.99 -0.58
N ASP A 260 22.37 20.86 -0.46
CA ASP A 260 21.79 19.52 -0.49
C ASP A 260 22.13 18.73 0.78
N SER A 261 21.36 17.66 1.07
CA SER A 261 21.62 16.82 2.23
C SER A 261 21.83 15.36 1.85
N GLN A 262 22.96 14.79 2.24
CA GLN A 262 23.27 13.38 1.96
C GLN A 262 23.23 12.59 3.26
N PHE A 263 22.81 11.34 3.19
CA PHE A 263 22.74 10.48 4.37
C PHE A 263 23.28 9.09 4.09
N LEU A 264 23.78 8.43 5.13
CA LEU A 264 24.22 7.05 5.07
C LEU A 264 23.23 6.23 5.89
N HIS A 265 22.75 5.10 5.37
CA HIS A 265 21.72 4.30 6.04
C HIS A 265 22.15 2.89 6.33
N LEU A 266 21.53 2.27 7.34
CA LEU A 266 21.83 0.89 7.68
C LEU A 266 20.66 0.20 8.36
N LEU A 267 20.13 -0.87 7.77
CA LEU A 267 19.09 -1.67 8.40
C LEU A 267 19.77 -2.91 8.97
N ARG A 268 19.45 -3.28 10.21
CA ARG A 268 20.05 -4.48 10.81
C ARG A 268 19.10 -5.15 11.80
N LEU A 269 19.27 -6.46 12.04
CA LEU A 269 18.40 -7.17 12.97
C LEU A 269 18.58 -6.64 14.37
N SER A 270 17.47 -6.26 15.05
CA SER A 270 17.52 -5.65 16.37
C SER A 270 18.23 -6.50 17.43
N GLY A 271 18.35 -7.81 17.18
CA GLY A 271 19.05 -8.69 18.10
C GLY A 271 20.55 -8.66 17.91
N ASP A 272 21.05 -9.65 17.18
CA ASP A 272 22.48 -9.85 16.87
C ASP A 272 23.16 -8.67 16.15
N GLY A 273 22.41 -7.91 15.37
CA GLY A 273 22.95 -6.81 14.60
C GLY A 273 23.38 -7.23 13.20
N GLN A 274 22.75 -8.30 12.68
CA GLN A 274 23.01 -8.85 11.35
C GLN A 274 22.55 -7.84 10.32
N GLU A 275 23.44 -7.48 9.39
CA GLU A 275 23.11 -6.50 8.36
C GLU A 275 22.21 -7.08 7.31
N ILE A 276 21.14 -6.37 7.01
CA ILE A 276 20.22 -6.79 5.96
C ILE A 276 20.23 -5.78 4.79
N ASN A 277 20.47 -4.49 5.07
CA ASN A 277 20.50 -3.44 4.03
C ASN A 277 21.43 -2.31 4.40
N ARG A 278 21.97 -1.64 3.37
CA ARG A 278 22.77 -0.44 3.51
C ARG A 278 22.48 0.47 2.30
N GLY A 279 22.40 1.79 2.53
CA GLY A 279 22.07 2.71 1.45
C GLY A 279 22.49 4.14 1.64
N THR A 280 22.12 5.00 0.67
CA THR A 280 22.39 6.44 0.68
C THR A 280 21.22 7.20 0.09
N THR A 281 20.87 8.33 0.68
CA THR A 281 19.82 9.20 0.15
C THR A 281 20.37 10.59 -0.10
N LEU A 282 19.76 11.31 -1.03
CA LEU A 282 20.14 12.67 -1.35
C LEU A 282 18.86 13.50 -1.40
N TRP A 283 18.84 14.62 -0.68
CA TRP A 283 17.67 15.47 -0.59
C TRP A 283 18.01 16.89 -1.01
N ARG A 284 17.03 17.60 -1.58
CA ARG A 284 17.23 19.00 -1.95
C ARG A 284 16.18 19.90 -1.30
N LYS A 285 16.51 21.18 -1.11
CA LYS A 285 15.59 22.11 -0.48
C LYS A 285 14.37 22.37 -1.36
N LYS A 286 13.17 22.41 -0.76
CA LYS A 286 11.93 22.65 -1.49
C LYS A 286 11.88 24.05 -2.09
N GLY B 2 -13.09 6.68 -13.74
CA GLY B 2 -14.39 6.71 -13.07
C GLY B 2 -15.23 7.90 -13.47
N SER B 3 -16.54 7.83 -13.17
CA SER B 3 -17.45 8.93 -13.46
C SER B 3 -18.77 8.78 -12.71
N LEU B 4 -19.49 9.90 -12.53
CA LEU B 4 -20.81 9.90 -11.89
C LEU B 4 -21.79 9.17 -12.81
N THR B 5 -22.75 8.44 -12.25
CA THR B 5 -23.78 7.78 -13.03
C THR B 5 -24.69 8.81 -13.73
N GLU B 6 -25.60 8.37 -14.63
CA GLU B 6 -26.49 9.26 -15.36
C GLU B 6 -27.25 10.28 -14.50
N ASP B 7 -27.80 9.83 -13.36
CA ASP B 7 -28.54 10.74 -12.49
C ASP B 7 -27.66 11.62 -11.58
N GLY B 8 -26.37 11.37 -11.52
CA GLY B 8 -25.44 12.13 -10.70
C GLY B 8 -25.66 11.93 -9.21
N LEU B 9 -26.31 10.82 -8.82
CA LEU B 9 -26.56 10.49 -7.42
C LEU B 9 -25.69 9.32 -6.89
N SER B 10 -24.74 8.84 -7.71
CA SER B 10 -23.76 7.80 -7.38
C SER B 10 -22.54 7.87 -8.34
N TYR B 11 -21.43 7.21 -7.99
CA TYR B 11 -20.20 7.26 -8.79
C TYR B 11 -19.67 5.86 -9.06
N LYS B 12 -19.21 5.59 -10.28
CA LYS B 12 -18.66 4.28 -10.61
C LYS B 12 -17.19 4.37 -11.05
N GLU B 13 -16.36 3.38 -10.68
CA GLU B 13 -14.97 3.34 -11.11
C GLU B 13 -14.47 1.89 -11.22
N LYS B 14 -13.67 1.59 -12.26
CA LYS B 14 -13.11 0.25 -12.46
C LYS B 14 -11.64 0.24 -12.04
N PHE B 15 -11.21 -0.80 -11.31
CA PHE B 15 -9.82 -0.90 -10.84
C PHE B 15 -9.22 -2.22 -11.28
N VAL B 16 -8.00 -2.21 -11.82
CA VAL B 16 -7.31 -3.44 -12.19
C VAL B 16 -6.50 -3.84 -10.97
N VAL B 17 -6.65 -5.09 -10.50
CA VAL B 17 -5.93 -5.53 -9.31
C VAL B 17 -4.43 -5.69 -9.60
N ARG B 18 -3.58 -5.04 -8.77
CA ARG B 18 -2.13 -5.03 -8.90
C ARG B 18 -1.40 -6.16 -8.19
N SER B 19 -0.18 -6.48 -8.64
CA SER B 19 0.67 -7.53 -8.11
C SER B 19 0.97 -7.40 -6.63
N TYR B 20 1.31 -6.19 -6.15
CA TYR B 20 1.62 -5.98 -4.73
C TYR B 20 0.35 -5.86 -3.84
N GLU B 21 -0.85 -5.94 -4.44
CA GLU B 21 -2.11 -5.81 -3.73
C GLU B 21 -2.75 -7.13 -3.34
N VAL B 22 -2.19 -8.28 -3.80
CA VAL B 22 -2.74 -9.60 -3.50
C VAL B 22 -2.01 -10.32 -2.36
N GLY B 23 -2.70 -11.25 -1.71
CA GLY B 23 -2.16 -12.04 -0.61
C GLY B 23 -1.62 -13.38 -1.06
N SER B 24 -1.48 -14.33 -0.12
CA SER B 24 -0.96 -15.69 -0.38
C SER B 24 -1.80 -16.50 -1.37
N ASN B 25 -3.12 -16.29 -1.39
CA ASN B 25 -4.03 -17.01 -2.30
C ASN B 25 -4.24 -16.33 -3.65
N LYS B 26 -3.34 -15.39 -4.02
CA LYS B 26 -3.30 -14.66 -5.29
C LYS B 26 -4.57 -13.85 -5.58
N THR B 27 -5.29 -13.45 -4.52
CA THR B 27 -6.47 -12.58 -4.60
C THR B 27 -6.22 -11.34 -3.74
N ALA B 28 -6.87 -10.22 -4.08
CA ALA B 28 -6.73 -8.95 -3.36
C ALA B 28 -7.01 -9.09 -1.87
N THR B 29 -6.26 -8.40 -1.03
CA THR B 29 -6.46 -8.46 0.41
C THR B 29 -7.61 -7.54 0.82
N VAL B 30 -8.16 -7.72 2.04
CA VAL B 30 -9.24 -6.86 2.51
C VAL B 30 -8.75 -5.41 2.73
N GLU B 31 -7.44 -5.19 2.92
CA GLU B 31 -6.89 -3.86 3.05
C GLU B 31 -6.81 -3.17 1.70
N THR B 32 -6.56 -3.93 0.62
CA THR B 32 -6.55 -3.39 -0.75
C THR B 32 -7.97 -2.96 -1.09
N ILE B 33 -8.97 -3.82 -0.79
CA ILE B 33 -10.38 -3.52 -1.00
C ILE B 33 -10.77 -2.24 -0.26
N ALA B 34 -10.42 -2.14 1.04
CA ALA B 34 -10.70 -0.96 1.86
C ALA B 34 -10.03 0.31 1.32
N ASN B 35 -8.88 0.17 0.66
CA ASN B 35 -8.17 1.29 0.04
C ASN B 35 -8.93 1.74 -1.20
N LEU B 36 -9.42 0.79 -2.02
CA LEU B 36 -10.19 1.07 -3.22
C LEU B 36 -11.51 1.76 -2.91
N LEU B 37 -12.13 1.45 -1.76
CA LEU B 37 -13.37 2.11 -1.35
C LEU B 37 -13.08 3.57 -1.00
N GLN B 38 -11.99 3.81 -0.27
CA GLN B 38 -11.56 5.15 0.10
C GLN B 38 -11.27 5.97 -1.17
N GLU B 39 -10.56 5.35 -2.13
CA GLU B 39 -10.22 5.98 -3.41
C GLU B 39 -11.46 6.36 -4.21
N VAL B 40 -12.41 5.43 -4.40
CA VAL B 40 -13.63 5.72 -5.14
C VAL B 40 -14.49 6.78 -4.42
N GLY B 41 -14.48 6.77 -3.09
CA GLY B 41 -15.20 7.76 -2.29
C GLY B 41 -14.59 9.15 -2.41
N CYS B 42 -13.26 9.21 -2.57
CA CYS B 42 -12.51 10.45 -2.73
C CYS B 42 -12.87 11.09 -4.07
N ASN B 43 -12.90 10.27 -5.12
CA ASN B 43 -13.19 10.74 -6.48
C ASN B 43 -14.64 11.14 -6.64
N HIS B 44 -15.56 10.53 -5.89
CA HIS B 44 -16.97 10.90 -5.94
C HIS B 44 -17.13 12.33 -5.41
N ALA B 45 -16.41 12.67 -4.31
CA ALA B 45 -16.43 14.00 -3.70
C ALA B 45 -15.76 15.04 -4.61
N GLN B 46 -14.69 14.65 -5.30
CA GLN B 46 -13.97 15.52 -6.21
C GLN B 46 -14.83 15.82 -7.45
N SER B 47 -15.58 14.82 -7.95
CA SER B 47 -16.44 14.99 -9.11
C SER B 47 -17.62 15.94 -8.91
N VAL B 48 -17.99 16.20 -7.65
CA VAL B 48 -19.07 17.14 -7.36
C VAL B 48 -18.59 18.39 -6.57
N GLY B 49 -17.28 18.63 -6.56
CA GLY B 49 -16.66 19.79 -5.92
C GLY B 49 -16.59 19.77 -4.41
N PHE B 50 -15.66 18.99 -3.84
CA PHE B 50 -15.48 18.95 -2.39
C PHE B 50 -14.00 18.91 -2.08
N THR B 57 -12.80 16.08 3.09
CA THR B 57 -12.99 17.50 2.82
C THR B 57 -14.42 17.77 2.37
N THR B 58 -15.01 18.92 2.77
CA THR B 58 -16.39 19.27 2.37
C THR B 58 -16.49 20.84 2.19
N THR B 59 -17.70 21.43 2.08
CA THR B 59 -17.88 22.86 1.83
C THR B 59 -18.53 23.58 3.00
N THR B 60 -18.26 24.92 3.12
CA THR B 60 -18.80 25.85 4.14
C THR B 60 -18.26 25.55 5.52
N MET B 61 -18.30 24.28 5.94
CA MET B 61 -17.74 23.83 7.21
C MET B 61 -16.20 24.01 7.27
N ARG B 62 -15.58 24.60 6.23
CA ARG B 62 -14.16 24.89 6.20
C ARG B 62 -13.89 26.10 7.12
N LYS B 63 -14.77 27.11 7.12
CA LYS B 63 -14.61 28.28 7.98
C LYS B 63 -14.96 27.97 9.44
N LEU B 64 -15.93 27.08 9.67
CA LEU B 64 -16.27 26.68 11.04
C LEU B 64 -15.31 25.62 11.62
N HIS B 65 -14.37 25.09 10.80
CA HIS B 65 -13.37 24.07 11.15
C HIS B 65 -13.99 22.72 11.48
N LEU B 66 -14.89 22.23 10.63
CA LEU B 66 -15.54 20.93 10.84
C LEU B 66 -15.08 19.91 9.81
N ILE B 67 -14.82 18.67 10.22
CA ILE B 67 -14.40 17.60 9.34
C ILE B 67 -15.33 16.38 9.45
N TRP B 68 -15.33 15.52 8.44
CA TRP B 68 -16.11 14.28 8.46
C TRP B 68 -15.19 13.17 8.89
N VAL B 69 -15.52 12.47 9.98
CA VAL B 69 -14.71 11.37 10.50
C VAL B 69 -15.50 10.05 10.51
N THR B 70 -14.83 8.90 10.35
CA THR B 70 -15.51 7.60 10.36
C THR B 70 -15.84 7.18 11.80
N ALA B 71 -17.05 6.67 12.01
CA ALA B 71 -17.48 6.15 13.30
C ALA B 71 -17.54 4.61 13.23
N ARG B 72 -17.84 4.05 12.05
CA ARG B 72 -17.98 2.62 11.84
C ARG B 72 -17.71 2.27 10.37
N MET B 73 -17.10 1.11 10.16
CA MET B 73 -16.81 0.56 8.84
C MET B 73 -17.31 -0.88 8.85
N HIS B 74 -18.03 -1.30 7.82
CA HIS B 74 -18.54 -2.67 7.74
C HIS B 74 -18.33 -3.18 6.30
N ILE B 75 -17.60 -4.28 6.12
CA ILE B 75 -17.32 -4.80 4.78
C ILE B 75 -17.64 -6.29 4.70
N GLU B 76 -18.40 -6.71 3.68
N GLU B 76 -18.41 -6.71 3.68
N GLU B 76 -18.40 -6.71 3.68
CA GLU B 76 -18.72 -8.13 3.51
CA GLU B 76 -18.76 -8.11 3.46
CA GLU B 76 -18.73 -8.13 3.51
C GLU B 76 -18.32 -8.58 2.11
C GLU B 76 -18.29 -8.55 2.08
C GLU B 76 -18.32 -8.58 2.11
N ILE B 77 -17.34 -9.49 2.02
CA ILE B 77 -16.82 -9.99 0.74
C ILE B 77 -17.25 -11.41 0.42
N TYR B 78 -17.75 -11.64 -0.80
CA TYR B 78 -18.15 -12.97 -1.26
C TYR B 78 -17.02 -13.58 -2.11
N LYS B 79 -16.33 -12.75 -2.91
CA LYS B 79 -15.24 -13.20 -3.76
C LYS B 79 -14.18 -12.10 -3.84
N TYR B 80 -12.91 -12.43 -3.59
CA TYR B 80 -11.85 -11.44 -3.68
C TYR B 80 -11.33 -11.45 -5.11
N PRO B 81 -11.25 -10.28 -5.78
CA PRO B 81 -10.76 -10.26 -7.16
C PRO B 81 -9.32 -10.77 -7.27
N ALA B 82 -9.05 -11.59 -8.29
CA ALA B 82 -7.70 -12.12 -8.48
C ALA B 82 -6.75 -11.06 -9.11
N TRP B 83 -5.44 -11.29 -9.05
CA TRP B 83 -4.45 -10.40 -9.62
C TRP B 83 -4.65 -10.30 -11.14
N GLY B 84 -4.96 -9.10 -11.61
CA GLY B 84 -5.21 -8.85 -13.02
C GLY B 84 -6.66 -8.60 -13.36
N ASP B 85 -7.59 -9.03 -12.47
CA ASP B 85 -9.02 -8.87 -12.67
C ASP B 85 -9.47 -7.44 -12.46
N VAL B 86 -10.46 -7.00 -13.23
CA VAL B 86 -11.00 -5.65 -13.09
C VAL B 86 -12.18 -5.71 -12.12
N VAL B 87 -12.26 -4.77 -11.18
CA VAL B 87 -13.36 -4.73 -10.23
C VAL B 87 -14.07 -3.37 -10.28
N GLU B 88 -15.39 -3.37 -10.50
CA GLU B 88 -16.13 -2.12 -10.57
C GLU B 88 -16.83 -1.81 -9.25
N ILE B 89 -16.54 -0.65 -8.67
CA ILE B 89 -17.12 -0.24 -7.40
C ILE B 89 -18.04 0.96 -7.59
N GLU B 90 -19.28 0.86 -7.11
CA GLU B 90 -20.24 1.95 -7.18
C GLU B 90 -20.51 2.47 -5.77
N THR B 91 -20.27 3.77 -5.55
CA THR B 91 -20.48 4.38 -4.25
C THR B 91 -21.53 5.51 -4.29
N TRP B 92 -22.09 5.84 -3.13
CA TRP B 92 -23.09 6.90 -2.96
C TRP B 92 -23.25 7.26 -1.50
N CYS B 93 -23.74 8.46 -1.22
CA CYS B 93 -23.98 8.95 0.14
C CYS B 93 -25.46 9.09 0.46
N GLN B 94 -25.78 9.20 1.75
CA GLN B 94 -27.14 9.40 2.20
C GLN B 94 -27.14 10.04 3.59
N SER B 95 -28.14 10.88 3.90
CA SER B 95 -28.23 11.53 5.21
C SER B 95 -28.85 10.59 6.22
N GLU B 96 -28.22 10.46 7.40
CA GLU B 96 -28.77 9.63 8.46
C GLU B 96 -29.46 10.56 9.44
N GLY B 97 -30.44 11.28 8.93
CA GLY B 97 -31.19 12.27 9.70
C GLY B 97 -30.27 13.39 10.09
N ARG B 98 -30.05 13.57 11.40
CA ARG B 98 -29.08 14.57 11.86
C ARG B 98 -27.97 13.97 12.74
N ILE B 99 -27.89 12.64 12.81
CA ILE B 99 -26.83 11.92 13.53
C ILE B 99 -25.51 12.01 12.74
N GLY B 100 -25.61 11.91 11.42
CA GLY B 100 -24.45 11.99 10.54
C GLY B 100 -24.81 11.64 9.11
N THR B 101 -23.82 11.18 8.36
CA THR B 101 -23.98 10.78 6.98
C THR B 101 -23.57 9.30 6.83
N ARG B 102 -23.94 8.65 5.73
CA ARG B 102 -23.62 7.25 5.51
C ARG B 102 -23.13 7.06 4.08
N ARG B 103 -22.04 6.30 3.88
CA ARG B 103 -21.56 6.05 2.52
C ARG B 103 -21.60 4.56 2.26
N ASP B 104 -22.23 4.13 1.15
CA ASP B 104 -22.30 2.70 0.81
C ASP B 104 -21.51 2.37 -0.47
N TRP B 105 -21.12 1.10 -0.63
CA TRP B 105 -20.37 0.64 -1.81
C TRP B 105 -20.87 -0.72 -2.28
N ILE B 106 -20.80 -0.97 -3.58
CA ILE B 106 -21.17 -2.26 -4.17
C ILE B 106 -20.00 -2.65 -5.06
N LEU B 107 -19.37 -3.79 -4.78
N LEU B 107 -19.37 -3.79 -4.78
N LEU B 107 -19.37 -3.79 -4.78
CA LEU B 107 -18.25 -4.28 -5.56
CA LEU B 107 -18.25 -4.28 -5.56
CA LEU B 107 -18.25 -4.28 -5.56
C LEU B 107 -18.78 -5.31 -6.54
C LEU B 107 -18.77 -5.32 -6.54
C LEU B 107 -18.78 -5.31 -6.54
N LYS B 108 -18.43 -5.19 -7.82
CA LYS B 108 -18.89 -6.12 -8.84
C LYS B 108 -17.77 -6.67 -9.73
N ASP B 109 -18.03 -7.79 -10.39
CA ASP B 109 -17.08 -8.36 -11.32
C ASP B 109 -17.29 -7.64 -12.65
N SER B 110 -16.22 -7.13 -13.26
CA SER B 110 -16.31 -6.40 -14.52
C SER B 110 -16.70 -7.33 -15.71
N VAL B 111 -16.43 -8.64 -15.58
CA VAL B 111 -16.74 -9.58 -16.67
C VAL B 111 -18.13 -10.21 -16.53
N THR B 112 -18.43 -10.77 -15.35
CA THR B 112 -19.72 -11.41 -15.11
C THR B 112 -20.83 -10.45 -14.68
N GLY B 113 -20.45 -9.37 -13.98
CA GLY B 113 -21.43 -8.39 -13.50
C GLY B 113 -22.06 -8.73 -12.16
N GLU B 114 -21.55 -9.78 -11.49
CA GLU B 114 -22.09 -10.22 -10.20
C GLU B 114 -21.50 -9.44 -9.04
N VAL B 115 -22.27 -9.29 -7.96
CA VAL B 115 -21.84 -8.59 -6.75
C VAL B 115 -20.86 -9.49 -6.02
N THR B 116 -19.59 -9.10 -5.94
CA THR B 116 -18.58 -9.90 -5.22
C THR B 116 -18.24 -9.37 -3.82
N GLY B 117 -18.87 -8.27 -3.41
CA GLY B 117 -18.69 -7.66 -2.11
C GLY B 117 -19.52 -6.40 -1.95
N ARG B 118 -19.68 -5.93 -0.71
N ARG B 118 -19.68 -5.93 -0.71
N ARG B 118 -19.67 -5.92 -0.73
CA ARG B 118 -20.43 -4.71 -0.43
CA ARG B 118 -20.43 -4.71 -0.43
CA ARG B 118 -20.41 -4.69 -0.43
C ARG B 118 -20.01 -4.11 0.91
C ARG B 118 -20.01 -4.11 0.91
C ARG B 118 -19.99 -4.11 0.91
N ALA B 119 -20.04 -2.79 1.02
CA ALA B 119 -19.61 -2.11 2.24
C ALA B 119 -20.54 -0.96 2.63
N THR B 120 -20.48 -0.57 3.91
CA THR B 120 -21.24 0.55 4.47
C THR B 120 -20.41 1.19 5.57
N SER B 121 -20.58 2.49 5.75
CA SER B 121 -19.83 3.24 6.76
C SER B 121 -20.66 4.39 7.30
N LYS B 122 -20.54 4.69 8.60
CA LYS B 122 -21.24 5.82 9.20
C LYS B 122 -20.23 6.93 9.52
N TRP B 123 -20.45 8.12 8.98
CA TRP B 123 -19.56 9.24 9.20
C TRP B 123 -20.21 10.26 10.11
N VAL B 124 -19.47 10.72 11.10
CA VAL B 124 -19.94 11.74 12.02
C VAL B 124 -19.10 13.02 11.80
N MET B 125 -19.57 14.16 12.31
CA MET B 125 -18.88 15.43 12.08
C MET B 125 -18.34 16.04 13.37
N MET B 126 -17.04 16.41 13.39
CA MET B 126 -16.40 16.98 14.57
C MET B 126 -15.50 18.19 14.23
N ASN B 127 -15.11 18.97 15.24
CA ASN B 127 -14.21 20.10 15.04
C ASN B 127 -12.81 19.51 14.90
N GLN B 128 -12.10 19.83 13.81
CA GLN B 128 -10.75 19.27 13.61
C GLN B 128 -9.79 19.57 14.75
N ASP B 129 -9.96 20.73 15.40
CA ASP B 129 -9.09 21.17 16.48
C ASP B 129 -9.46 20.59 17.86
N THR B 130 -10.69 20.84 18.35
CA THR B 130 -11.10 20.34 19.67
C THR B 130 -11.50 18.87 19.69
N ARG B 131 -11.72 18.27 18.50
CA ARG B 131 -12.16 16.88 18.30
C ARG B 131 -13.52 16.58 18.93
N ARG B 132 -14.38 17.60 19.05
CA ARG B 132 -15.68 17.47 19.66
C ARG B 132 -16.77 17.05 18.71
N LEU B 133 -17.27 15.84 18.92
CA LEU B 133 -18.34 15.23 18.15
C LEU B 133 -19.60 16.05 18.33
N GLN B 134 -20.30 16.37 17.23
CA GLN B 134 -21.52 17.16 17.29
C GLN B 134 -22.37 16.97 16.03
N LYS B 135 -23.68 17.17 16.14
CA LYS B 135 -24.58 17.02 15.00
C LYS B 135 -24.42 18.19 14.03
N VAL B 136 -24.71 17.99 12.74
CA VAL B 136 -24.49 19.05 11.75
C VAL B 136 -25.75 19.93 11.62
N SER B 137 -25.53 21.24 11.42
CA SER B 137 -26.57 22.24 11.27
C SER B 137 -27.45 22.00 10.04
N ASP B 138 -28.64 22.59 10.00
CA ASP B 138 -29.53 22.46 8.85
C ASP B 138 -28.99 23.21 7.61
N ASP B 139 -28.12 24.21 7.81
CA ASP B 139 -27.52 24.95 6.70
C ASP B 139 -26.53 24.07 5.93
N VAL B 140 -25.80 23.20 6.63
CA VAL B 140 -24.86 22.26 6.02
C VAL B 140 -25.62 20.99 5.55
N ARG B 141 -26.70 20.59 6.27
CA ARG B 141 -27.55 19.45 5.91
C ARG B 141 -28.43 19.74 4.68
N ASP B 142 -28.06 20.71 3.84
CA ASP B 142 -28.76 21.10 2.64
C ASP B 142 -27.78 21.23 1.46
N GLU B 143 -26.53 21.63 1.75
CA GLU B 143 -25.47 21.77 0.74
C GLU B 143 -25.06 20.44 0.13
N TYR B 144 -25.25 19.32 0.85
CA TYR B 144 -24.85 18.02 0.33
C TYR B 144 -26.02 17.11 -0.04
N LEU B 145 -27.26 17.45 0.36
CA LEU B 145 -28.41 16.62 0.05
C LEU B 145 -28.74 16.55 -1.44
N VAL B 146 -28.34 17.56 -2.21
CA VAL B 146 -28.55 17.56 -3.66
C VAL B 146 -27.70 16.47 -4.37
N PHE B 147 -26.69 15.92 -3.70
CA PHE B 147 -25.81 14.86 -4.22
C PHE B 147 -26.15 13.45 -3.66
N CYS B 148 -27.28 13.33 -2.95
CA CYS B 148 -27.69 12.08 -2.34
C CYS B 148 -29.05 11.66 -2.89
N PRO B 149 -29.32 10.35 -3.02
CA PRO B 149 -30.67 9.93 -3.44
C PRO B 149 -31.68 10.29 -2.34
N GLN B 150 -32.87 10.70 -2.74
CA GLN B 150 -33.90 11.10 -1.77
C GLN B 150 -34.58 9.88 -1.15
N GLU B 151 -34.87 8.85 -1.97
CA GLU B 151 -35.42 7.61 -1.46
C GLU B 151 -34.25 6.77 -0.94
N PRO B 152 -34.42 6.05 0.18
CA PRO B 152 -33.32 5.25 0.72
C PRO B 152 -32.75 4.23 -0.25
N ARG B 153 -31.42 4.09 -0.27
CA ARG B 153 -30.71 3.15 -1.12
C ARG B 153 -29.63 2.52 -0.24
N LEU B 154 -29.93 1.35 0.32
CA LEU B 154 -29.02 0.70 1.27
C LEU B 154 -28.31 -0.48 0.67
N ALA B 155 -27.01 -0.60 0.92
CA ALA B 155 -26.25 -1.78 0.49
C ALA B 155 -26.62 -2.97 1.39
N PHE B 156 -26.93 -2.72 2.67
CA PHE B 156 -27.34 -3.72 3.65
C PHE B 156 -28.74 -3.36 4.14
N PRO B 157 -29.78 -3.74 3.38
CA PRO B 157 -31.14 -3.35 3.78
C PRO B 157 -31.84 -4.28 4.78
N GLU B 158 -31.46 -5.58 4.77
CA GLU B 158 -32.03 -6.63 5.63
C GLU B 158 -32.41 -6.17 7.05
N GLU B 159 -33.67 -6.41 7.49
CA GLU B 159 -34.07 -6.00 8.85
C GLU B 159 -33.37 -6.95 9.82
N ASN B 160 -32.61 -6.37 10.77
CA ASN B 160 -31.75 -7.09 11.72
C ASN B 160 -30.52 -7.63 10.96
N ASN B 161 -29.59 -6.72 10.61
CA ASN B 161 -28.38 -7.12 9.89
C ASN B 161 -27.09 -6.81 10.68
N ARG B 162 -25.97 -7.41 10.23
CA ARG B 162 -24.65 -7.34 10.86
C ARG B 162 -24.02 -5.94 10.99
N SER B 163 -24.38 -5.00 10.10
CA SER B 163 -23.77 -3.67 10.10
C SER B 163 -24.27 -2.73 11.19
N LEU B 164 -25.35 -3.09 11.90
CA LEU B 164 -25.91 -2.21 12.93
C LEU B 164 -25.89 -2.81 14.35
N LYS B 165 -25.29 -3.99 14.53
CA LYS B 165 -25.24 -4.64 15.83
C LYS B 165 -24.21 -4.00 16.77
N LYS B 166 -24.48 -4.03 18.08
CA LYS B 166 -23.58 -3.44 19.08
C LYS B 166 -22.34 -4.34 19.32
N ILE B 167 -21.13 -3.75 19.26
CA ILE B 167 -19.91 -4.53 19.50
C ILE B 167 -19.47 -4.42 20.96
N PRO B 168 -19.36 -5.55 21.67
CA PRO B 168 -18.91 -5.51 23.06
C PRO B 168 -17.40 -5.26 23.24
N LYS B 169 -16.97 -4.99 24.48
CA LYS B 169 -15.56 -4.76 24.77
C LYS B 169 -14.91 -6.06 25.22
N LEU B 170 -13.79 -6.41 24.59
CA LEU B 170 -13.00 -7.61 24.87
C LEU B 170 -12.50 -7.61 26.31
N GLU B 171 -12.70 -8.74 27.02
CA GLU B 171 -12.27 -8.87 28.40
C GLU B 171 -10.88 -9.50 28.49
N ASP B 172 -10.06 -9.03 29.44
CA ASP B 172 -8.71 -9.55 29.65
C ASP B 172 -8.77 -10.84 30.49
N PRO B 173 -7.94 -11.85 30.19
CA PRO B 173 -6.93 -11.89 29.14
C PRO B 173 -7.46 -12.24 27.74
N ALA B 174 -6.85 -11.69 26.69
CA ALA B 174 -7.26 -11.98 25.33
C ALA B 174 -6.67 -13.32 24.91
N GLN B 175 -7.35 -14.05 24.02
CA GLN B 175 -6.86 -15.36 23.57
C GLN B 175 -5.59 -15.19 22.73
N TYR B 176 -5.58 -14.19 21.87
CA TYR B 176 -4.44 -13.88 21.00
C TYR B 176 -4.10 -12.39 21.08
N SER B 177 -2.84 -12.05 20.78
CA SER B 177 -2.41 -10.65 20.78
C SER B 177 -1.20 -10.40 19.88
N MET B 178 -1.07 -9.15 19.42
CA MET B 178 0.09 -8.69 18.67
C MET B 178 0.42 -7.35 19.29
N ILE B 179 1.58 -7.20 19.93
CA ILE B 179 1.90 -5.96 20.62
C ILE B 179 3.09 -5.18 20.01
N GLY B 180 3.15 -3.89 20.32
CA GLY B 180 4.21 -3.01 19.86
C GLY B 180 4.09 -2.56 18.44
N LEU B 181 2.85 -2.38 17.96
CA LEU B 181 2.55 -1.96 16.59
C LEU B 181 2.59 -0.44 16.47
N LYS B 182 3.59 0.11 15.75
CA LYS B 182 3.73 1.54 15.53
C LYS B 182 3.48 1.86 14.07
N PRO B 183 2.79 2.99 13.75
CA PRO B 183 2.63 3.35 12.34
C PRO B 183 3.88 4.00 11.72
N ARG B 184 4.11 3.74 10.43
CA ARG B 184 5.21 4.36 9.70
C ARG B 184 4.66 5.46 8.74
N ARG B 185 5.53 6.17 7.99
CA ARG B 185 5.06 7.23 7.10
C ARG B 185 4.13 6.74 6.00
N ALA B 186 4.22 5.46 5.62
CA ALA B 186 3.33 4.86 4.64
C ALA B 186 1.90 4.70 5.20
N ASP B 187 1.78 4.58 6.53
CA ASP B 187 0.49 4.46 7.23
C ASP B 187 -0.23 5.83 7.41
N LEU B 188 0.47 6.94 7.14
CA LEU B 188 -0.10 8.27 7.26
C LEU B 188 -0.63 8.75 5.90
N ASP B 189 -1.57 9.69 5.92
CA ASP B 189 -2.12 10.25 4.67
C ASP B 189 -1.48 11.65 4.37
N MET B 190 -2.07 12.42 3.43
CA MET B 190 -1.61 13.76 3.06
C MET B 190 -1.67 14.78 4.21
N ASN B 191 -2.52 14.52 5.22
CA ASN B 191 -2.65 15.39 6.40
C ASN B 191 -1.90 14.88 7.64
N GLN B 192 -1.07 13.84 7.47
CA GLN B 192 -0.24 13.19 8.49
C GLN B 192 -1.02 12.40 9.55
N HIS B 193 -2.30 12.08 9.28
CA HIS B 193 -3.09 11.26 10.20
C HIS B 193 -2.99 9.79 9.77
N VAL B 194 -3.08 8.85 10.73
CA VAL B 194 -3.02 7.41 10.41
C VAL B 194 -4.30 7.07 9.63
N ASN B 195 -4.17 6.59 8.38
CA ASN B 195 -5.36 6.34 7.57
C ASN B 195 -6.15 5.15 8.12
N ASN B 196 -7.49 5.25 8.05
CA ASN B 196 -8.44 4.29 8.62
C ASN B 196 -8.20 2.82 8.21
N VAL B 197 -7.48 2.57 7.09
CA VAL B 197 -7.19 1.22 6.58
C VAL B 197 -6.16 0.48 7.43
N THR B 198 -5.20 1.23 8.02
CA THR B 198 -4.13 0.68 8.88
C THR B 198 -4.71 -0.02 10.10
N TYR B 199 -5.81 0.52 10.65
CA TYR B 199 -6.50 -0.07 11.80
C TYR B 199 -7.02 -1.47 11.46
N ILE B 200 -7.46 -1.69 10.21
CA ILE B 200 -7.93 -3.00 9.77
C ILE B 200 -6.77 -4.00 9.75
N GLY B 201 -5.60 -3.54 9.31
CA GLY B 201 -4.39 -4.35 9.27
C GLY B 201 -3.88 -4.72 10.64
N TRP B 202 -3.99 -3.77 11.57
CA TRP B 202 -3.59 -3.96 12.96
C TRP B 202 -4.56 -4.89 13.67
N VAL B 203 -5.87 -4.76 13.40
CA VAL B 203 -6.91 -5.64 13.96
C VAL B 203 -6.62 -7.11 13.53
N LEU B 204 -6.30 -7.32 12.26
CA LEU B 204 -6.04 -8.65 11.72
C LEU B 204 -4.66 -9.21 12.06
N GLU B 205 -3.77 -8.43 12.70
CA GLU B 205 -2.43 -8.91 13.09
C GLU B 205 -2.47 -9.90 14.26
N SER B 206 -3.52 -9.82 15.09
CA SER B 206 -3.68 -10.74 16.20
C SER B 206 -4.46 -12.02 15.81
N ILE B 207 -4.93 -12.13 14.54
CA ILE B 207 -5.58 -13.35 14.06
C ILE B 207 -4.46 -14.36 13.82
N PRO B 208 -4.56 -15.58 14.37
CA PRO B 208 -3.48 -16.57 14.17
C PRO B 208 -3.21 -16.89 12.70
N GLN B 209 -1.95 -17.16 12.36
CA GLN B 209 -1.59 -17.47 10.98
C GLN B 209 -2.33 -18.70 10.44
N GLU B 210 -2.59 -19.68 11.30
CA GLU B 210 -3.32 -20.90 10.90
C GLU B 210 -4.73 -20.58 10.42
N ILE B 211 -5.42 -19.66 11.09
CA ILE B 211 -6.76 -19.22 10.71
C ILE B 211 -6.72 -18.55 9.35
N VAL B 212 -5.72 -17.71 9.11
CA VAL B 212 -5.54 -17.02 7.83
C VAL B 212 -5.28 -18.01 6.69
N ASP B 213 -4.38 -18.98 6.91
CA ASP B 213 -4.02 -20.00 5.92
C ASP B 213 -5.15 -20.98 5.58
N THR B 214 -6.09 -21.20 6.51
CA THR B 214 -7.18 -22.16 6.28
C THR B 214 -8.58 -21.52 6.14
N HIS B 215 -8.69 -20.19 6.24
CA HIS B 215 -9.99 -19.52 6.13
C HIS B 215 -9.93 -18.27 5.26
N GLU B 216 -11.10 -17.83 4.78
CA GLU B 216 -11.24 -16.61 4.00
C GLU B 216 -12.07 -15.63 4.84
N LEU B 217 -11.66 -14.36 4.86
CA LEU B 217 -12.41 -13.36 5.63
C LEU B 217 -13.70 -12.99 4.90
N GLN B 218 -14.84 -13.32 5.51
CA GLN B 218 -16.14 -13.01 4.93
C GLN B 218 -16.62 -11.61 5.37
N VAL B 219 -16.72 -11.35 6.69
CA VAL B 219 -17.20 -10.06 7.20
C VAL B 219 -16.19 -9.43 8.18
N ILE B 220 -16.23 -8.09 8.31
CA ILE B 220 -15.46 -7.28 9.24
C ILE B 220 -16.22 -6.01 9.64
N THR B 221 -16.63 -5.91 10.89
CA THR B 221 -17.28 -4.71 11.40
C THR B 221 -16.31 -4.07 12.37
N LEU B 222 -15.97 -2.80 12.15
CA LEU B 222 -15.01 -2.12 12.98
C LEU B 222 -15.48 -0.74 13.44
N ASP B 223 -15.62 -0.53 14.75
CA ASP B 223 -16.02 0.75 15.36
C ASP B 223 -14.78 1.59 15.68
N TYR B 224 -14.79 2.89 15.29
CA TYR B 224 -13.67 3.81 15.51
C TYR B 224 -13.96 4.74 16.70
N ARG B 225 -13.15 4.64 17.76
CA ARG B 225 -13.38 5.42 18.98
C ARG B 225 -12.41 6.59 19.16
N ARG B 226 -11.13 6.38 18.87
CA ARG B 226 -10.12 7.42 19.04
C ARG B 226 -9.04 7.28 17.96
N GLU B 227 -8.47 8.42 17.53
N GLU B 227 -8.48 8.42 17.50
N GLU B 227 -8.47 8.42 17.53
CA GLU B 227 -7.43 8.40 16.52
CA GLU B 227 -7.44 8.37 16.49
CA GLU B 227 -7.43 8.40 16.52
C GLU B 227 -6.07 8.10 17.14
C GLU B 227 -6.08 8.10 17.13
C GLU B 227 -6.07 8.10 17.14
N CYS B 228 -5.28 7.25 16.48
CA CYS B 228 -3.95 6.90 16.96
C CYS B 228 -2.97 7.92 16.35
N GLN B 229 -2.13 8.55 17.18
CA GLN B 229 -1.16 9.51 16.67
C GLN B 229 0.06 8.78 16.09
N GLN B 230 0.87 9.50 15.30
CA GLN B 230 2.08 8.98 14.68
C GLN B 230 3.04 8.43 15.73
N ASP B 231 3.13 9.07 16.89
CA ASP B 231 4.05 8.66 17.96
C ASP B 231 3.41 7.70 19.00
N ASP B 232 2.24 7.13 18.69
CA ASP B 232 1.57 6.19 19.58
C ASP B 232 1.92 4.74 19.22
N VAL B 233 1.75 3.82 20.18
CA VAL B 233 2.00 2.40 20.00
C VAL B 233 0.70 1.65 20.32
N VAL B 234 0.29 0.74 19.43
CA VAL B 234 -0.96 -0.02 19.54
C VAL B 234 -0.76 -1.49 19.94
N ASP B 235 -1.70 -2.01 20.74
CA ASP B 235 -1.77 -3.41 21.12
C ASP B 235 -3.03 -4.00 20.46
N SER B 236 -2.89 -5.12 19.75
CA SER B 236 -4.01 -5.75 19.05
C SER B 236 -4.47 -7.01 19.79
N LEU B 237 -5.72 -7.07 20.27
CA LEU B 237 -6.21 -8.23 21.02
C LEU B 237 -7.34 -8.95 20.29
N THR B 238 -7.39 -10.29 20.34
CA THR B 238 -8.41 -11.10 19.65
C THR B 238 -8.84 -12.32 20.48
N THR B 239 -10.13 -12.63 20.51
CA THR B 239 -10.66 -13.80 21.23
C THR B 239 -11.71 -14.49 20.35
N THR B 240 -11.66 -15.83 20.23
CA THR B 240 -12.65 -16.56 19.43
C THR B 240 -13.97 -16.58 20.17
N THR B 241 -15.06 -16.18 19.50
CA THR B 241 -16.37 -16.17 20.13
C THR B 241 -17.32 -17.19 19.52
N SER B 242 -16.79 -18.35 19.11
CA SER B 242 -17.61 -19.41 18.52
C SER B 242 -17.16 -20.80 18.97
N ASP B 260 -17.93 -22.03 10.57
CA ASP B 260 -17.46 -20.65 10.53
C ASP B 260 -16.71 -20.24 11.81
N SER B 261 -15.88 -19.20 11.71
CA SER B 261 -15.13 -18.70 12.87
C SER B 261 -15.40 -17.22 13.12
N GLN B 262 -15.85 -16.88 14.34
CA GLN B 262 -16.10 -15.49 14.72
C GLN B 262 -15.07 -15.04 15.73
N PHE B 263 -14.69 -13.77 15.69
CA PHE B 263 -13.71 -13.23 16.63
C PHE B 263 -14.14 -11.88 17.17
N LEU B 264 -13.66 -11.55 18.37
CA LEU B 264 -13.87 -10.24 18.99
C LEU B 264 -12.51 -9.55 19.01
N HIS B 265 -12.44 -8.28 18.61
CA HIS B 265 -11.17 -7.57 18.51
C HIS B 265 -11.10 -6.31 19.35
N LEU B 266 -9.88 -5.89 19.71
CA LEU B 266 -9.71 -4.66 20.48
C LEU B 266 -8.34 -4.05 20.26
N LEU B 267 -8.29 -2.81 19.74
CA LEU B 267 -7.02 -2.10 19.62
C LEU B 267 -6.96 -1.11 20.77
N ARG B 268 -5.82 -1.02 21.46
CA ARG B 268 -5.68 -0.07 22.55
C ARG B 268 -4.24 0.43 22.70
N LEU B 269 -4.04 1.62 23.30
CA LEU B 269 -2.71 2.17 23.46
C LEU B 269 -1.88 1.32 24.38
N SER B 270 -0.65 1.00 23.93
CA SER B 270 0.31 0.15 24.64
C SER B 270 0.54 0.55 26.07
N GLY B 271 0.43 1.83 26.36
CA GLY B 271 0.67 2.34 27.71
C GLY B 271 -0.52 2.20 28.63
N ASP B 272 -1.30 3.29 28.74
CA ASP B 272 -2.49 3.39 29.59
C ASP B 272 -3.59 2.34 29.31
N GLY B 273 -3.69 1.88 28.07
CA GLY B 273 -4.73 0.94 27.70
C GLY B 273 -5.97 1.64 27.18
N GLN B 274 -5.80 2.87 26.64
CA GLN B 274 -6.88 3.69 26.09
C GLN B 274 -7.40 3.03 24.85
N GLU B 275 -8.72 2.80 24.78
CA GLU B 275 -9.33 2.14 23.64
C GLU B 275 -9.40 3.07 22.44
N ILE B 276 -8.95 2.57 21.30
CA ILE B 276 -9.01 3.32 20.08
C ILE B 276 -9.97 2.65 19.05
N ASN B 277 -10.08 1.30 19.10
CA ASN B 277 -10.94 0.54 18.19
C ASN B 277 -11.44 -0.75 18.81
N ARG B 278 -12.60 -1.20 18.37
CA ARG B 278 -13.20 -2.49 18.74
C ARG B 278 -13.95 -3.04 17.51
N GLY B 279 -13.87 -4.35 17.30
CA GLY B 279 -14.52 -4.95 16.13
C GLY B 279 -14.82 -6.42 16.20
N THR B 280 -15.33 -6.97 15.09
CA THR B 280 -15.66 -8.39 14.95
C THR B 280 -15.36 -8.85 13.53
N THR B 281 -14.82 -10.06 13.40
CA THR B 281 -14.57 -10.65 12.09
C THR B 281 -15.28 -12.00 11.98
N LEU B 282 -15.61 -12.39 10.75
CA LEU B 282 -16.23 -13.67 10.49
C LEU B 282 -15.47 -14.31 9.33
N TRP B 283 -15.07 -15.58 9.51
CA TRP B 283 -14.28 -16.29 8.53
C TRP B 283 -14.97 -17.59 8.13
N ARG B 284 -14.82 -17.99 6.86
CA ARG B 284 -15.40 -19.23 6.29
C ARG B 284 -14.26 -20.18 5.87
N LYS B 285 -14.48 -21.51 5.94
CA LYS B 285 -13.48 -22.48 5.50
C LYS B 285 -13.30 -22.42 3.98
N LYS B 286 -12.05 -22.45 3.51
CA LYS B 286 -11.74 -22.39 2.08
C LYS B 286 -12.25 -23.64 1.35
N1 A1BF0 C . 13.13 -11.01 -18.28
C4 A1BF0 C . 14.57 -11.07 -18.61
C5 A1BF0 C . 15.36 -11.92 -17.62
C6 A1BF0 C . 15.11 -11.48 -16.18
C7 A1BF0 C . 13.61 -11.34 -15.86
C8 A1BF0 C . 12.75 -11.75 -17.07
C1 A1BF0 C . 10.18 -9.04 -19.49
C2 A1BF0 C . 10.88 -10.08 -18.63
C3 A1BF0 C . 12.29 -10.32 -19.08
C9 A1BF0 C . 13.54 -10.60 -12.78
N2 A1BF0 C . 13.32 -9.98 -15.42
O1 A1BF0 C . 12.68 -9.88 -20.16
O2 A1BF0 C . 13.11 -8.22 -13.69
O3 A1BF0 C . 15.32 -9.26 -14.11
S1 A1BF0 C . 13.89 -9.38 -14.00
N1 A1BF0 D . -20.76 13.92 0.15
C4 A1BF0 D . -21.94 14.17 1.00
C5 A1BF0 D . -21.56 14.58 2.42
C6 A1BF0 D . -20.53 13.62 3.00
C7 A1BF0 D . -19.29 13.52 2.10
C8 A1BF0 D . -19.48 14.27 0.78
C1 A1BF0 D . -20.10 12.77 -3.36
C2 A1BF0 D . -19.73 13.36 -2.02
C3 A1BF0 D . -20.92 13.41 -1.09
C9 A1BF0 D . -16.98 12.19 3.75
N2 A1BF0 D . -18.96 12.10 1.88
O1 A1BF0 D . -22.01 12.99 -1.46
O2 A1BF0 D . -19.22 10.93 4.05
O3 A1BF0 D . -17.60 10.09 2.37
S1 A1BF0 D . -18.24 11.19 3.05
#